data_2MMJ
#
_entry.id   2MMJ
#
_entity_poly.entity_id   1
_entity_poly.type   'polypeptide(L)'
_entity_poly.pdbx_seq_one_letter_code
;GLFGVLAKVA(I4G)HVVGAIAEHF(NH2)
;
_entity_poly.pdbx_strand_id   A
#
# COMPACT_ATOMS: atom_id res chain seq x y z
N GLY A 1 -7.19 3.80 -15.36
CA GLY A 1 -7.09 5.00 -14.55
C GLY A 1 -7.35 4.74 -13.08
N LEU A 2 -8.15 3.73 -12.80
CA LEU A 2 -8.49 3.38 -11.42
C LEU A 2 -7.34 2.62 -10.76
N PHE A 3 -7.10 1.40 -11.22
CA PHE A 3 -6.03 0.58 -10.67
C PHE A 3 -4.69 1.30 -10.74
N GLY A 4 -4.56 2.19 -11.72
CA GLY A 4 -3.32 2.94 -11.89
C GLY A 4 -2.88 3.61 -10.62
N VAL A 5 -3.85 3.98 -9.77
CA VAL A 5 -3.55 4.64 -8.51
C VAL A 5 -3.53 3.64 -7.36
N LEU A 6 -4.23 2.54 -7.54
CA LEU A 6 -4.31 1.50 -6.52
C LEU A 6 -2.91 1.07 -6.07
N ALA A 7 -1.94 1.21 -6.98
CA ALA A 7 -0.56 0.84 -6.69
C ALA A 7 -0.02 1.64 -5.49
N LYS A 8 -0.58 2.83 -5.29
CA LYS A 8 -0.15 3.68 -4.19
C LYS A 8 -0.40 3.02 -2.84
N VAL A 9 -1.26 1.99 -2.85
CA VAL A 9 -1.57 1.26 -1.63
C VAL A 9 -1.60 -0.24 -1.88
N ALA A 10 -0.55 -0.75 -2.52
CA ALA A 10 -0.46 -2.17 -2.81
C ALA A 10 0.98 -2.58 -3.10
N HIS A 12 3.66 -1.68 -0.57
CA HIS A 12 4.35 -0.93 0.48
C HIS A 12 3.53 -0.88 1.76
N VAL A 13 2.23 -1.16 1.64
CA VAL A 13 1.34 -1.16 2.79
C VAL A 13 1.87 -2.06 3.90
N VAL A 14 2.12 -3.32 3.56
CA VAL A 14 2.62 -4.28 4.53
C VAL A 14 3.87 -3.76 5.23
N GLY A 15 4.72 -3.07 4.47
CA GLY A 15 5.93 -2.52 5.04
C GLY A 15 5.66 -1.50 6.13
N ALA A 16 4.47 -0.90 6.09
CA ALA A 16 4.09 0.11 7.07
C ALA A 16 3.28 -0.53 8.21
N ILE A 17 2.23 -1.24 7.85
CA ILE A 17 1.37 -1.90 8.83
C ILE A 17 2.19 -2.82 9.74
N ALA A 18 3.20 -3.46 9.16
CA ALA A 18 4.06 -4.37 9.91
C ALA A 18 4.98 -3.60 10.86
N GLU A 19 5.10 -2.29 10.63
CA GLU A 19 5.95 -1.45 11.46
C GLU A 19 5.34 -1.25 12.84
N HIS A 20 4.07 -0.87 12.87
CA HIS A 20 3.37 -0.65 14.14
C HIS A 20 2.96 -1.99 14.77
N PHE A 21 2.83 -3.02 13.94
CA PHE A 21 2.45 -4.35 14.41
C PHE A 21 3.67 -5.21 14.67
N GLY A 1 -8.03 4.95 -15.41
CA GLY A 1 -6.95 4.27 -14.71
C GLY A 1 -7.22 4.13 -13.22
N LEU A 2 -8.22 3.31 -12.88
CA LEU A 2 -8.59 3.10 -11.49
C LEU A 2 -7.47 2.37 -10.74
N PHE A 3 -7.17 1.14 -11.17
CA PHE A 3 -6.12 0.35 -10.55
C PHE A 3 -4.77 1.05 -10.67
N GLY A 4 -4.61 1.83 -11.72
CA GLY A 4 -3.36 2.54 -11.94
C GLY A 4 -2.92 3.32 -10.72
N VAL A 5 -3.89 3.75 -9.91
CA VAL A 5 -3.59 4.52 -8.71
C VAL A 5 -3.58 3.61 -7.47
N LEU A 6 -4.29 2.49 -7.55
CA LEU A 6 -4.35 1.54 -6.45
C LEU A 6 -2.95 1.10 -6.03
N ALA A 7 -2.01 1.17 -6.97
CA ALA A 7 -0.64 0.78 -6.70
C ALA A 7 -0.01 1.65 -5.61
N LYS A 8 -0.51 2.87 -5.49
CA LYS A 8 -0.01 3.80 -4.49
C LYS A 8 -0.21 3.25 -3.08
N VAL A 9 -1.12 2.28 -2.96
CA VAL A 9 -1.40 1.66 -1.67
C VAL A 9 -1.50 0.14 -1.80
N ALA A 10 -0.51 -0.45 -2.45
CA ALA A 10 -0.49 -1.90 -2.64
C ALA A 10 0.92 -2.40 -2.93
N HIS A 12 3.73 -1.44 -0.54
CA HIS A 12 4.49 -0.65 0.44
C HIS A 12 3.73 -0.56 1.76
N VAL A 13 2.42 -0.74 1.69
CA VAL A 13 1.58 -0.68 2.89
C VAL A 13 2.07 -1.65 3.96
N VAL A 14 2.21 -2.91 3.58
CA VAL A 14 2.67 -3.94 4.50
C VAL A 14 3.95 -3.51 5.21
N GLY A 15 4.82 -2.81 4.49
CA GLY A 15 6.07 -2.34 5.07
C GLY A 15 5.85 -1.46 6.28
N ALA A 16 4.74 -0.73 6.28
CA ALA A 16 4.42 0.16 7.40
C ALA A 16 3.51 -0.52 8.41
N ILE A 17 2.48 -1.20 7.91
CA ILE A 17 1.53 -1.90 8.77
C ILE A 17 2.25 -2.91 9.67
N ALA A 18 3.27 -3.55 9.12
CA ALA A 18 4.04 -4.54 9.87
C ALA A 18 4.95 -3.86 10.89
N GLU A 19 5.08 -2.55 10.78
CA GLU A 19 5.93 -1.78 11.69
C GLU A 19 5.24 -1.60 13.04
N HIS A 20 3.99 -1.15 13.01
CA HIS A 20 3.23 -0.94 14.23
C HIS A 20 2.72 -2.26 14.80
N PHE A 21 2.58 -3.26 13.92
CA PHE A 21 2.11 -4.57 14.33
C PHE A 21 3.15 -5.64 14.06
N GLY A 1 -5.57 5.10 -14.73
CA GLY A 1 -6.88 4.53 -14.53
C GLY A 1 -7.17 4.24 -13.08
N LEU A 2 -8.28 3.55 -12.81
CA LEU A 2 -8.66 3.21 -11.45
C LEU A 2 -7.54 2.47 -10.73
N PHE A 3 -7.25 1.27 -11.20
CA PHE A 3 -6.20 0.45 -10.61
C PHE A 3 -4.85 1.14 -10.70
N GLY A 4 -4.70 1.97 -11.73
CA GLY A 4 -3.45 2.69 -11.93
C GLY A 4 -3.00 3.43 -10.67
N VAL A 5 -3.97 3.83 -9.86
CA VAL A 5 -3.68 4.55 -8.63
C VAL A 5 -3.66 3.61 -7.43
N LEU A 6 -4.37 2.50 -7.54
CA LEU A 6 -4.43 1.51 -6.47
C LEU A 6 -3.03 1.06 -6.06
N ALA A 7 -2.09 1.16 -6.99
CA ALA A 7 -0.71 0.77 -6.73
C ALA A 7 -0.10 1.61 -5.61
N LYS A 8 -0.61 2.83 -5.45
CA LYS A 8 -0.12 3.72 -4.41
C LYS A 8 -0.33 3.12 -3.02
N VAL A 9 -1.23 2.14 -2.95
CA VAL A 9 -1.52 1.48 -1.68
C VAL A 9 -1.59 -0.04 -1.85
N ALA A 10 -0.58 -0.59 -2.51
CA ALA A 10 -0.52 -2.03 -2.74
C ALA A 10 0.92 -2.48 -3.03
N HIS A 12 3.66 -1.53 -0.58
CA HIS A 12 4.40 -0.77 0.43
C HIS A 12 3.62 -0.71 1.74
N VAL A 13 2.30 -0.92 1.65
CA VAL A 13 1.44 -0.90 2.83
C VAL A 13 1.94 -1.88 3.88
N VAL A 14 2.22 -3.11 3.47
CA VAL A 14 2.69 -4.14 4.38
C VAL A 14 3.88 -3.65 5.20
N GLY A 15 4.86 -3.07 4.51
CA GLY A 15 6.05 -2.57 5.19
C GLY A 15 5.70 -1.56 6.27
N ALA A 16 4.54 -0.93 6.14
CA ALA A 16 4.09 0.06 7.11
C ALA A 16 3.27 -0.60 8.22
N ILE A 17 2.23 -1.33 7.85
CA ILE A 17 1.37 -2.01 8.81
C ILE A 17 2.19 -2.93 9.72
N ALA A 18 3.22 -3.55 9.16
CA ALA A 18 4.07 -4.45 9.91
C ALA A 18 4.99 -3.67 10.86
N GLU A 19 5.08 -2.37 10.64
CA GLU A 19 5.93 -1.51 11.47
C GLU A 19 5.30 -1.32 12.85
N HIS A 20 4.03 -0.95 12.87
CA HIS A 20 3.32 -0.73 14.13
C HIS A 20 2.91 -2.06 14.76
N PHE A 21 2.80 -3.10 13.94
CA PHE A 21 2.42 -4.42 14.42
C PHE A 21 3.65 -5.32 14.56
N GLY A 1 -5.63 5.15 -14.70
CA GLY A 1 -6.92 4.50 -14.49
C GLY A 1 -7.21 4.23 -13.03
N LEU A 2 -8.30 3.52 -12.77
CA LEU A 2 -8.69 3.19 -11.40
C LEU A 2 -7.57 2.44 -10.69
N PHE A 3 -7.24 1.26 -11.21
CA PHE A 3 -6.19 0.44 -10.61
C PHE A 3 -4.83 1.15 -10.71
N GLY A 4 -4.67 1.98 -11.74
CA GLY A 4 -3.43 2.69 -11.93
C GLY A 4 -2.99 3.43 -10.68
N VAL A 5 -3.96 3.84 -9.86
CA VAL A 5 -3.67 4.56 -8.63
C VAL A 5 -3.65 3.61 -7.42
N LEU A 6 -4.35 2.50 -7.55
CA LEU A 6 -4.41 1.52 -6.48
C LEU A 6 -3.01 1.06 -6.07
N ALA A 7 -2.07 1.16 -7.00
CA ALA A 7 -0.69 0.77 -6.74
C ALA A 7 -0.09 1.60 -5.62
N LYS A 8 -0.59 2.83 -5.45
CA LYS A 8 -0.11 3.72 -4.41
C LYS A 8 -0.32 3.12 -3.03
N VAL A 9 -1.21 2.15 -2.95
CA VAL A 9 -1.52 1.48 -1.68
C VAL A 9 -1.58 -0.03 -1.85
N ALA A 10 -0.57 -0.59 -2.51
CA ALA A 10 -0.51 -2.03 -2.74
C ALA A 10 0.92 -2.48 -3.04
N HIS A 12 3.67 -1.53 -0.59
CA HIS A 12 4.40 -0.78 0.42
C HIS A 12 3.62 -0.72 1.73
N VAL A 13 2.31 -0.92 1.65
CA VAL A 13 1.45 -0.90 2.82
C VAL A 13 1.94 -1.88 3.88
N VAL A 14 2.22 -3.12 3.46
CA VAL A 14 2.70 -4.15 4.37
C VAL A 14 3.89 -3.65 5.19
N GLY A 15 4.87 -3.08 4.51
CA GLY A 15 6.05 -2.57 5.20
C GLY A 15 5.70 -1.56 6.27
N ALA A 16 4.54 -0.94 6.14
CA ALA A 16 4.09 0.06 7.11
C ALA A 16 3.27 -0.60 8.22
N ILE A 17 2.24 -1.33 7.84
CA ILE A 17 1.38 -2.01 8.80
C ILE A 17 2.19 -2.92 9.71
N ALA A 18 3.22 -3.55 9.16
CA ALA A 18 4.08 -4.44 9.92
C ALA A 18 4.98 -3.66 10.87
N GLU A 19 5.08 -2.36 10.64
CA GLU A 19 5.92 -1.50 11.48
C GLU A 19 5.29 -1.30 12.86
N HIS A 20 4.01 -0.94 12.87
CA HIS A 20 3.29 -0.72 14.12
C HIS A 20 2.89 -2.04 14.75
N PHE A 21 2.78 -3.08 13.94
CA PHE A 21 2.40 -4.41 14.41
C PHE A 21 3.62 -5.32 14.52
N GLY A 1 -6.92 3.67 -15.33
CA GLY A 1 -7.00 4.89 -14.56
C GLY A 1 -7.32 4.63 -13.09
N LEU A 2 -8.18 3.64 -12.85
CA LEU A 2 -8.57 3.29 -11.48
C LEU A 2 -7.44 2.56 -10.77
N PHE A 3 -7.19 1.32 -11.20
CA PHE A 3 -6.14 0.50 -10.60
C PHE A 3 -4.79 1.20 -10.69
N GLY A 4 -4.63 2.03 -11.72
CA GLY A 4 -3.38 2.74 -11.90
C GLY A 4 -2.94 3.48 -10.65
N VAL A 5 -3.91 3.88 -9.84
CA VAL A 5 -3.62 4.60 -8.60
C VAL A 5 -3.60 3.65 -7.40
N LEU A 6 -4.31 2.54 -7.53
CA LEU A 6 -4.38 1.55 -6.46
C LEU A 6 -2.97 1.10 -6.05
N ALA A 7 -2.04 1.20 -6.99
CA ALA A 7 -0.66 0.80 -6.72
C ALA A 7 -0.05 1.63 -5.59
N LYS A 8 -0.55 2.85 -5.43
CA LYS A 8 -0.05 3.74 -4.39
C LYS A 8 -0.28 3.14 -3.01
N VAL A 9 -1.17 2.16 -2.93
CA VAL A 9 -1.47 1.50 -1.67
C VAL A 9 -1.54 -0.02 -1.84
N ALA A 10 -0.54 -0.57 -2.50
CA ALA A 10 -0.49 -2.01 -2.73
C ALA A 10 0.95 -2.47 -3.03
N HIS A 12 3.70 -1.54 -0.56
CA HIS A 12 4.43 -0.78 0.45
C HIS A 12 3.65 -0.71 1.75
N VAL A 13 2.34 -0.92 1.66
CA VAL A 13 1.48 -0.90 2.84
C VAL A 13 1.96 -1.88 3.90
N VAL A 14 2.23 -3.11 3.47
CA VAL A 14 2.70 -4.15 4.39
C VAL A 14 3.89 -3.66 5.21
N GLY A 15 4.88 -3.09 4.53
CA GLY A 15 6.06 -2.59 5.22
C GLY A 15 5.71 -1.59 6.29
N ALA A 16 4.56 -0.95 6.16
CA ALA A 16 4.11 0.04 7.15
C ALA A 16 3.29 -0.61 8.25
N ILE A 17 2.25 -1.34 7.86
CA ILE A 17 1.38 -2.01 8.82
C ILE A 17 2.19 -2.93 9.73
N ALA A 18 3.22 -3.55 9.18
CA ALA A 18 4.07 -4.45 9.95
C ALA A 18 4.98 -3.67 10.90
N GLU A 19 5.08 -2.38 10.68
CA GLU A 19 5.91 -1.52 11.52
C GLU A 19 5.27 -1.33 12.89
N HIS A 20 4.00 -0.96 12.90
CA HIS A 20 3.28 -0.74 14.15
C HIS A 20 2.86 -2.07 14.77
N PHE A 21 2.74 -3.10 13.95
CA PHE A 21 2.35 -4.42 14.42
C PHE A 21 3.56 -5.37 14.46
N GLY A 1 -5.79 4.17 -15.04
CA GLY A 1 -7.17 4.26 -14.62
C GLY A 1 -7.33 4.14 -13.12
N LEU A 2 -8.43 3.53 -12.69
CA LEU A 2 -8.70 3.35 -11.27
C LEU A 2 -7.58 2.57 -10.60
N PHE A 3 -7.22 1.44 -11.20
CA PHE A 3 -6.15 0.60 -10.65
C PHE A 3 -4.80 1.30 -10.75
N GLY A 4 -4.67 2.18 -11.74
CA GLY A 4 -3.42 2.90 -11.93
C GLY A 4 -2.95 3.58 -10.65
N VAL A 5 -3.90 3.98 -9.82
CA VAL A 5 -3.59 4.65 -8.55
C VAL A 5 -3.58 3.66 -7.40
N LEU A 6 -4.30 2.56 -7.56
CA LEU A 6 -4.39 1.53 -6.53
C LEU A 6 -2.99 1.09 -6.08
N ALA A 7 -2.03 1.20 -7.00
CA ALA A 7 -0.66 0.82 -6.70
C ALA A 7 -0.10 1.61 -5.52
N LYS A 8 -0.64 2.81 -5.32
CA LYS A 8 -0.20 3.67 -4.23
C LYS A 8 -0.42 3.00 -2.88
N VAL A 9 -1.31 2.00 -2.86
CA VAL A 9 -1.61 1.28 -1.64
C VAL A 9 -1.56 -0.23 -1.87
N ALA A 10 -0.50 -0.68 -2.52
CA ALA A 10 -0.33 -2.11 -2.80
C ALA A 10 1.13 -2.44 -3.06
N HIS A 12 3.74 -1.38 -0.48
CA HIS A 12 4.38 -0.61 0.59
C HIS A 12 3.55 -0.64 1.87
N VAL A 13 2.26 -0.96 1.72
CA VAL A 13 1.35 -1.03 2.86
C VAL A 13 1.89 -1.98 3.92
N VAL A 14 1.96 -3.26 3.58
CA VAL A 14 2.45 -4.27 4.51
C VAL A 14 3.79 -3.86 5.10
N GLY A 15 4.57 -3.11 4.35
CA GLY A 15 5.86 -2.65 4.83
C GLY A 15 5.74 -1.71 6.01
N ALA A 16 4.68 -0.93 6.04
CA ALA A 16 4.46 0.01 7.13
C ALA A 16 3.56 -0.58 8.20
N ILE A 17 2.52 -1.29 7.78
CA ILE A 17 1.59 -1.91 8.71
C ILE A 17 2.31 -2.86 9.67
N ALA A 18 3.33 -3.54 9.15
CA ALA A 18 4.11 -4.47 9.96
C ALA A 18 5.02 -3.72 10.93
N GLU A 19 5.14 -2.41 10.74
CA GLU A 19 5.98 -1.58 11.59
C GLU A 19 5.29 -1.33 12.94
N HIS A 20 4.05 -0.88 12.89
CA HIS A 20 3.29 -0.60 14.10
C HIS A 20 2.79 -1.89 14.75
N PHE A 21 2.66 -2.94 13.94
CA PHE A 21 2.19 -4.24 14.43
C PHE A 21 3.27 -5.30 14.24
N GLY A 1 -6.92 3.59 -15.27
CA GLY A 1 -7.24 4.84 -14.59
C GLY A 1 -7.49 4.65 -13.11
N LEU A 2 -8.28 3.64 -12.77
CA LEU A 2 -8.59 3.36 -11.36
C LEU A 2 -7.45 2.59 -10.70
N PHE A 3 -7.17 1.40 -11.22
CA PHE A 3 -6.10 0.56 -10.67
C PHE A 3 -4.76 1.27 -10.76
N GLY A 4 -4.62 2.14 -11.76
CA GLY A 4 -3.38 2.87 -11.94
C GLY A 4 -2.91 3.56 -10.67
N VAL A 5 -3.87 3.94 -9.83
CA VAL A 5 -3.55 4.62 -8.58
C VAL A 5 -3.54 3.63 -7.41
N LEU A 6 -4.28 2.53 -7.58
CA LEU A 6 -4.35 1.51 -6.54
C LEU A 6 -2.96 1.06 -6.10
N ALA A 7 -1.99 1.18 -7.00
CA ALA A 7 -0.63 0.80 -6.71
C ALA A 7 -0.07 1.60 -5.53
N LYS A 8 -0.61 2.80 -5.33
CA LYS A 8 -0.17 3.66 -4.24
C LYS A 8 -0.41 3.00 -2.89
N VAL A 9 -1.28 1.99 -2.88
CA VAL A 9 -1.59 1.27 -1.64
C VAL A 9 -1.53 -0.23 -1.87
N ALA A 10 -0.47 -0.70 -2.52
CA ALA A 10 -0.29 -2.12 -2.80
C ALA A 10 1.17 -2.45 -3.05
N HIS A 12 3.76 -1.38 -0.45
CA HIS A 12 4.40 -0.61 0.62
C HIS A 12 3.56 -0.65 1.89
N VAL A 13 2.28 -0.97 1.73
CA VAL A 13 1.37 -1.03 2.88
C VAL A 13 1.89 -1.99 3.94
N VAL A 14 1.98 -3.27 3.60
CA VAL A 14 2.46 -4.28 4.52
C VAL A 14 3.81 -3.87 5.14
N GLY A 15 4.58 -3.10 4.37
CA GLY A 15 5.88 -2.65 4.85
C GLY A 15 5.75 -1.71 6.03
N ALA A 16 4.68 -0.93 6.07
CA ALA A 16 4.45 0.02 7.15
C ALA A 16 3.56 -0.59 8.23
N ILE A 17 2.52 -1.30 7.80
CA ILE A 17 1.59 -1.93 8.72
C ILE A 17 2.31 -2.86 9.68
N ALA A 18 3.34 -3.54 9.17
CA ALA A 18 4.12 -4.47 9.98
C ALA A 18 5.02 -3.71 10.96
N GLU A 19 5.13 -2.41 10.77
CA GLU A 19 5.96 -1.58 11.62
C GLU A 19 5.28 -1.33 12.97
N HIS A 20 4.04 -0.88 12.91
CA HIS A 20 3.27 -0.60 14.12
C HIS A 20 2.77 -1.89 14.76
N PHE A 21 2.65 -2.94 13.95
CA PHE A 21 2.18 -4.23 14.43
C PHE A 21 3.25 -5.30 14.26
N GLY A 1 -6.37 3.92 -15.17
CA GLY A 1 -7.16 4.98 -14.58
C GLY A 1 -7.42 4.77 -13.11
N LEU A 2 -8.27 3.80 -12.79
CA LEU A 2 -8.60 3.49 -11.40
C LEU A 2 -7.48 2.70 -10.74
N PHE A 3 -7.23 1.50 -11.25
CA PHE A 3 -6.18 0.64 -10.71
C PHE A 3 -4.82 1.32 -10.79
N GLY A 4 -4.66 2.20 -11.78
CA GLY A 4 -3.40 2.91 -11.94
C GLY A 4 -2.93 3.57 -10.66
N VAL A 5 -3.89 3.96 -9.81
CA VAL A 5 -3.57 4.61 -8.55
C VAL A 5 -3.58 3.61 -7.40
N LEU A 6 -4.31 2.51 -7.58
CA LEU A 6 -4.41 1.47 -6.56
C LEU A 6 -3.02 0.99 -6.14
N ALA A 7 -2.05 1.11 -7.05
CA ALA A 7 -0.69 0.70 -6.78
C ALA A 7 -0.11 1.46 -5.59
N LYS A 8 -0.62 2.67 -5.38
CA LYS A 8 -0.15 3.51 -4.28
C LYS A 8 -0.39 2.83 -2.93
N VAL A 9 -1.30 1.85 -2.93
CA VAL A 9 -1.62 1.13 -1.71
C VAL A 9 -1.52 -0.38 -1.93
N ALA A 10 -0.44 -0.81 -2.57
CA ALA A 10 -0.22 -2.23 -2.85
C ALA A 10 1.26 -2.52 -3.06
N HIS A 12 3.76 -1.38 -0.40
CA HIS A 12 4.36 -0.61 0.68
C HIS A 12 3.48 -0.66 1.94
N VAL A 13 2.21 -0.99 1.75
CA VAL A 13 1.27 -1.09 2.86
C VAL A 13 1.78 -2.03 3.94
N VAL A 14 1.91 -3.31 3.58
CA VAL A 14 2.39 -4.32 4.52
C VAL A 14 3.72 -3.89 5.15
N GLY A 15 4.51 -3.14 4.39
CA GLY A 15 5.79 -2.68 4.89
C GLY A 15 5.66 -1.68 6.01
N ALA A 16 4.53 -0.96 6.02
CA ALA A 16 4.28 0.05 7.04
C ALA A 16 3.45 -0.54 8.19
N ILE A 17 2.37 -1.22 7.84
CA ILE A 17 1.49 -1.82 8.84
C ILE A 17 2.27 -2.76 9.76
N ALA A 18 3.25 -3.45 9.19
CA ALA A 18 4.08 -4.38 9.96
C ALA A 18 5.00 -3.64 10.91
N GLU A 19 5.15 -2.33 10.68
CA GLU A 19 6.02 -1.51 11.52
C GLU A 19 5.40 -1.30 12.90
N HIS A 20 4.14 -0.86 12.92
CA HIS A 20 3.43 -0.62 14.16
C HIS A 20 2.97 -1.94 14.79
N PHE A 21 2.81 -2.96 13.95
CA PHE A 21 2.37 -4.26 14.42
C PHE A 21 3.54 -5.24 14.49
N GLY A 1 -6.93 3.78 -15.33
CA GLY A 1 -7.09 5.01 -14.59
C GLY A 1 -7.34 4.78 -13.11
N LEU A 2 -8.22 3.83 -12.82
CA LEU A 2 -8.56 3.51 -11.44
C LEU A 2 -7.44 2.71 -10.77
N PHE A 3 -7.21 1.51 -11.28
CA PHE A 3 -6.16 0.64 -10.73
C PHE A 3 -4.80 1.33 -10.81
N GLY A 4 -4.64 2.21 -11.79
CA GLY A 4 -3.37 2.92 -11.95
C GLY A 4 -2.91 3.58 -10.67
N VAL A 5 -3.87 3.97 -9.82
CA VAL A 5 -3.55 4.62 -8.55
C VAL A 5 -3.56 3.61 -7.41
N LEU A 6 -4.29 2.52 -7.59
CA LEU A 6 -4.39 1.48 -6.58
C LEU A 6 -3.01 1.00 -6.15
N ALA A 7 -2.04 1.13 -7.06
CA ALA A 7 -0.67 0.71 -6.78
C ALA A 7 -0.10 1.47 -5.59
N LYS A 8 -0.60 2.69 -5.38
CA LYS A 8 -0.14 3.53 -4.29
C LYS A 8 -0.39 2.85 -2.94
N VAL A 9 -1.28 1.87 -2.93
CA VAL A 9 -1.61 1.14 -1.71
C VAL A 9 -1.52 -0.37 -1.93
N ALA A 10 -0.44 -0.80 -2.58
CA ALA A 10 -0.23 -2.22 -2.85
C ALA A 10 1.25 -2.52 -3.06
N HIS A 12 3.76 -1.39 -0.39
CA HIS A 12 4.35 -0.61 0.68
C HIS A 12 3.47 -0.67 1.94
N VAL A 13 2.20 -0.99 1.74
CA VAL A 13 1.26 -1.08 2.86
C VAL A 13 1.76 -2.03 3.94
N VAL A 14 1.91 -3.30 3.59
CA VAL A 14 2.38 -4.31 4.53
C VAL A 14 3.71 -3.88 5.16
N GLY A 15 4.50 -3.12 4.41
CA GLY A 15 5.77 -2.65 4.91
C GLY A 15 5.63 -1.65 6.04
N ALA A 16 4.50 -0.94 6.05
CA ALA A 16 4.24 0.05 7.08
C ALA A 16 3.42 -0.54 8.23
N ILE A 17 2.33 -1.22 7.88
CA ILE A 17 1.47 -1.84 8.87
C ILE A 17 2.25 -2.77 9.78
N ALA A 18 3.22 -3.47 9.19
CA ALA A 18 4.05 -4.41 9.95
C ALA A 18 4.99 -3.67 10.89
N GLU A 19 5.14 -2.37 10.66
CA GLU A 19 6.02 -1.55 11.49
C GLU A 19 5.42 -1.34 12.88
N HIS A 20 4.17 -0.90 12.92
CA HIS A 20 3.48 -0.67 14.18
C HIS A 20 3.03 -1.98 14.81
N PHE A 21 2.86 -3.00 13.98
CA PHE A 21 2.42 -4.31 14.45
C PHE A 21 3.62 -5.22 14.69
N GLY A 1 -7.99 5.67 -15.02
CA GLY A 1 -6.88 4.99 -14.39
C GLY A 1 -7.12 4.73 -12.91
N LEU A 2 -8.01 3.81 -12.60
CA LEU A 2 -8.33 3.48 -11.22
C LEU A 2 -7.20 2.70 -10.57
N PHE A 3 -6.92 1.51 -11.11
CA PHE A 3 -5.86 0.66 -10.58
C PHE A 3 -4.53 1.39 -10.60
N GLY A 4 -4.37 2.33 -11.54
CA GLY A 4 -3.14 3.09 -11.64
C GLY A 4 -2.73 3.70 -10.31
N VAL A 5 -3.70 4.03 -9.48
CA VAL A 5 -3.43 4.62 -8.18
C VAL A 5 -3.45 3.56 -7.07
N LEU A 6 -4.15 2.45 -7.34
CA LEU A 6 -4.25 1.36 -6.37
C LEU A 6 -2.86 0.92 -5.91
N ALA A 7 -1.87 1.10 -6.77
CA ALA A 7 -0.49 0.72 -6.46
C ALA A 7 0.01 1.46 -5.22
N LYS A 8 -0.56 2.63 -4.97
CA LYS A 8 -0.17 3.44 -3.82
C LYS A 8 -0.51 2.73 -2.52
N VAL A 9 -1.35 1.69 -2.60
CA VAL A 9 -1.75 0.94 -1.43
C VAL A 9 -1.80 -0.56 -1.74
N ALA A 10 -0.72 -1.08 -2.31
CA ALA A 10 -0.65 -2.49 -2.66
C ALA A 10 0.76 -2.86 -3.14
N HIS A 12 3.71 -2.09 -0.89
CA HIS A 12 4.52 -1.41 0.12
C HIS A 12 3.74 -1.19 1.40
N VAL A 13 2.44 -1.47 1.35
CA VAL A 13 1.57 -1.31 2.51
C VAL A 13 2.05 -2.16 3.68
N VAL A 14 2.32 -3.44 3.40
CA VAL A 14 2.80 -4.35 4.44
C VAL A 14 3.99 -3.77 5.19
N GLY A 15 4.93 -3.19 4.45
CA GLY A 15 6.10 -2.61 5.06
C GLY A 15 5.75 -1.53 6.09
N ALA A 16 4.57 -0.94 5.93
CA ALA A 16 4.12 0.09 6.85
C ALA A 16 3.27 -0.50 7.97
N ILE A 17 2.27 -1.30 7.59
CA ILE A 17 1.38 -1.92 8.57
C ILE A 17 2.17 -2.74 9.57
N ALA A 18 3.25 -3.37 9.12
CA ALA A 18 4.09 -4.19 9.97
C ALA A 18 4.95 -3.32 10.89
N GLU A 19 5.00 -2.03 10.58
CA GLU A 19 5.78 -1.09 11.38
C GLU A 19 5.10 -0.79 12.71
N HIS A 20 3.81 -0.44 12.64
CA HIS A 20 3.04 -0.13 13.83
C HIS A 20 2.64 -1.40 14.57
N PHE A 21 2.57 -2.50 13.83
CA PHE A 21 2.19 -3.80 14.41
C PHE A 21 3.33 -4.80 14.30
N GLY A 1 -6.71 6.13 -14.70
CA GLY A 1 -6.76 4.71 -14.42
C GLY A 1 -6.97 4.42 -12.95
N LEU A 2 -8.08 3.77 -12.62
CA LEU A 2 -8.39 3.43 -11.23
C LEU A 2 -7.25 2.65 -10.59
N PHE A 3 -7.01 1.44 -11.09
CA PHE A 3 -5.94 0.61 -10.56
C PHE A 3 -4.60 1.34 -10.58
N GLY A 4 -4.47 2.27 -11.52
CA GLY A 4 -3.23 3.03 -11.64
C GLY A 4 -2.81 3.65 -10.32
N VAL A 5 -3.79 3.99 -9.48
CA VAL A 5 -3.51 4.59 -8.19
C VAL A 5 -3.52 3.55 -7.09
N LEU A 6 -4.21 2.44 -7.34
CA LEU A 6 -4.30 1.36 -6.35
C LEU A 6 -2.92 0.91 -5.90
N ALA A 7 -1.93 1.10 -6.77
CA ALA A 7 -0.56 0.72 -6.46
C ALA A 7 -0.05 1.47 -5.23
N LYS A 8 -0.62 2.64 -4.99
CA LYS A 8 -0.22 3.47 -3.85
C LYS A 8 -0.55 2.77 -2.53
N VAL A 9 -1.38 1.74 -2.61
CA VAL A 9 -1.78 0.99 -1.43
C VAL A 9 -1.84 -0.52 -1.72
N ALA A 10 -0.78 -1.04 -2.32
CA ALA A 10 -0.71 -2.45 -2.65
C ALA A 10 0.68 -2.84 -3.14
N HIS A 12 3.67 -2.06 -0.90
CA HIS A 12 4.50 -1.38 0.09
C HIS A 12 3.72 -1.16 1.38
N VAL A 13 2.42 -1.43 1.34
CA VAL A 13 1.56 -1.25 2.50
C VAL A 13 2.05 -2.09 3.67
N VAL A 14 2.29 -3.38 3.42
CA VAL A 14 2.77 -4.29 4.46
C VAL A 14 3.99 -3.72 5.16
N GLY A 15 4.88 -3.09 4.40
CA GLY A 15 6.07 -2.52 4.97
C GLY A 15 5.76 -1.49 6.05
N ALA A 16 4.61 -0.86 5.94
CA ALA A 16 4.20 0.15 6.91
C ALA A 16 3.33 -0.46 8.01
N ILE A 17 2.35 -1.27 7.60
CA ILE A 17 1.45 -1.91 8.54
C ILE A 17 2.22 -2.76 9.54
N ALA A 18 3.30 -3.38 9.08
CA ALA A 18 4.14 -4.21 9.94
C ALA A 18 4.99 -3.36 10.87
N GLU A 19 5.03 -2.06 10.60
CA GLU A 19 5.82 -1.13 11.42
C GLU A 19 5.12 -0.84 12.75
N HIS A 20 3.83 -0.50 12.66
CA HIS A 20 3.05 -0.19 13.85
C HIS A 20 2.63 -1.47 14.57
N PHE A 21 2.58 -2.56 13.82
CA PHE A 21 2.19 -3.86 14.39
C PHE A 21 3.31 -4.88 14.24
N GLY A 1 -6.95 3.78 -15.14
CA GLY A 1 -6.81 4.98 -14.33
C GLY A 1 -7.02 4.71 -12.86
N LEU A 2 -8.07 3.96 -12.54
CA LEU A 2 -8.39 3.63 -11.14
C LEU A 2 -7.26 2.83 -10.52
N PHE A 3 -6.98 1.65 -11.07
CA PHE A 3 -5.92 0.80 -10.56
C PHE A 3 -4.58 1.52 -10.57
N GLY A 4 -4.44 2.47 -11.49
CA GLY A 4 -3.20 3.22 -11.58
C GLY A 4 -2.78 3.82 -10.26
N VAL A 5 -3.75 4.14 -9.42
CA VAL A 5 -3.47 4.72 -8.10
C VAL A 5 -3.48 3.65 -7.03
N LEU A 6 -4.19 2.55 -7.29
CA LEU A 6 -4.28 1.46 -6.34
C LEU A 6 -2.90 1.00 -5.89
N ALA A 7 -1.92 1.19 -6.76
CA ALA A 7 -0.54 0.80 -6.45
C ALA A 7 -0.02 1.52 -5.22
N LYS A 8 -0.59 2.70 -4.95
CA LYS A 8 -0.19 3.49 -3.80
C LYS A 8 -0.53 2.77 -2.49
N VAL A 9 -1.37 1.74 -2.59
CA VAL A 9 -1.76 0.98 -1.42
C VAL A 9 -1.83 -0.52 -1.74
N ALA A 10 -0.75 -1.03 -2.32
CA ALA A 10 -0.69 -2.44 -2.68
C ALA A 10 0.71 -2.82 -3.16
N HIS A 12 3.68 -2.08 -0.92
CA HIS A 12 4.50 -1.41 0.09
C HIS A 12 3.72 -1.20 1.38
N VAL A 13 2.42 -1.48 1.33
CA VAL A 13 1.56 -1.32 2.49
C VAL A 13 2.04 -2.18 3.66
N VAL A 14 2.31 -3.45 3.36
CA VAL A 14 2.78 -4.38 4.39
C VAL A 14 3.97 -3.81 5.15
N GLY A 15 4.93 -3.24 4.42
CA GLY A 15 6.10 -2.66 5.04
C GLY A 15 5.74 -1.59 6.06
N ALA A 16 4.57 -1.00 5.90
CA ALA A 16 4.11 0.04 6.82
C ALA A 16 3.26 -0.55 7.93
N ILE A 17 2.27 -1.35 7.57
CA ILE A 17 1.39 -1.97 8.55
C ILE A 17 2.19 -2.77 9.57
N ALA A 18 3.27 -3.41 9.11
CA ALA A 18 4.11 -4.21 9.98
C ALA A 18 4.97 -3.33 10.88
N GLU A 19 5.01 -2.04 10.57
CA GLU A 19 5.79 -1.08 11.34
C GLU A 19 5.10 -0.77 12.67
N HIS A 20 3.82 -0.43 12.61
CA HIS A 20 3.05 -0.11 13.80
C HIS A 20 2.64 -1.38 14.54
N PHE A 21 2.58 -2.49 13.81
CA PHE A 21 2.20 -3.77 14.41
C PHE A 21 3.34 -4.78 14.27
N GLY A 1 -5.90 5.86 -14.65
CA GLY A 1 -6.85 4.80 -14.40
C GLY A 1 -7.06 4.53 -12.93
N LEU A 2 -8.10 3.76 -12.61
CA LEU A 2 -8.41 3.43 -11.22
C LEU A 2 -7.27 2.65 -10.57
N PHE A 3 -7.00 1.46 -11.10
CA PHE A 3 -5.93 0.62 -10.57
C PHE A 3 -4.60 1.36 -10.58
N GLY A 4 -4.46 2.29 -11.52
CA GLY A 4 -3.23 3.05 -11.63
C GLY A 4 -2.81 3.66 -10.30
N VAL A 5 -3.79 4.00 -9.48
CA VAL A 5 -3.52 4.60 -8.17
C VAL A 5 -3.53 3.55 -7.07
N LEU A 6 -4.22 2.44 -7.32
CA LEU A 6 -4.31 1.35 -6.35
C LEU A 6 -2.93 0.91 -5.90
N ALA A 7 -1.94 1.10 -6.76
CA ALA A 7 -0.57 0.72 -6.44
C ALA A 7 -0.07 1.46 -5.20
N LYS A 8 -0.64 2.64 -4.96
CA LYS A 8 -0.26 3.45 -3.81
C LYS A 8 -0.59 2.74 -2.51
N VAL A 9 -1.43 1.71 -2.59
CA VAL A 9 -1.82 0.95 -1.41
C VAL A 9 -1.86 -0.55 -1.71
N ALA A 10 -0.79 -1.06 -2.30
CA ALA A 10 -0.70 -2.47 -2.64
C ALA A 10 0.70 -2.84 -3.12
N HIS A 12 3.66 -2.05 -0.87
CA HIS A 12 4.47 -1.37 0.15
C HIS A 12 3.68 -1.16 1.42
N VAL A 13 2.38 -1.44 1.37
CA VAL A 13 1.51 -1.28 2.53
C VAL A 13 2.00 -2.13 3.70
N VAL A 14 2.31 -3.39 3.43
CA VAL A 14 2.79 -4.30 4.45
C VAL A 14 3.96 -3.70 5.22
N GLY A 15 4.88 -3.09 4.48
CA GLY A 15 6.05 -2.49 5.10
C GLY A 15 5.67 -1.44 6.13
N ALA A 16 4.49 -0.85 5.98
CA ALA A 16 4.00 0.17 6.90
C ALA A 16 3.19 -0.45 8.02
N ILE A 17 2.17 -1.22 7.65
CA ILE A 17 1.31 -1.87 8.63
C ILE A 17 2.13 -2.73 9.60
N ALA A 18 3.18 -3.35 9.08
CA ALA A 18 4.04 -4.20 9.90
C ALA A 18 4.98 -3.36 10.74
N GLU A 19 5.04 -2.06 10.47
CA GLU A 19 5.90 -1.16 11.21
C GLU A 19 5.28 -0.80 12.56
N HIS A 20 4.00 -0.43 12.55
CA HIS A 20 3.30 -0.06 13.76
C HIS A 20 2.86 -1.30 14.53
N PHE A 21 2.80 -2.43 13.83
CA PHE A 21 2.39 -3.69 14.45
C PHE A 21 3.61 -4.58 14.73
N GLY A 1 -6.48 3.67 -15.23
CA GLY A 1 -7.73 4.27 -14.77
C GLY A 1 -7.80 4.38 -13.26
N LEU A 2 -8.56 3.48 -12.65
CA LEU A 2 -8.71 3.48 -11.19
C LEU A 2 -7.63 2.63 -10.52
N PHE A 3 -7.11 1.66 -11.27
CA PHE A 3 -6.07 0.77 -10.75
C PHE A 3 -4.71 1.45 -10.82
N GLY A 4 -4.53 2.33 -11.80
CA GLY A 4 -3.27 3.03 -11.96
C GLY A 4 -2.81 3.68 -10.67
N VAL A 5 -3.76 4.08 -9.83
CA VAL A 5 -3.44 4.72 -8.56
C VAL A 5 -3.46 3.71 -7.41
N LEU A 6 -4.21 2.62 -7.60
CA LEU A 6 -4.32 1.58 -6.58
C LEU A 6 -2.94 1.10 -6.16
N ALA A 7 -1.97 1.21 -7.07
CA ALA A 7 -0.61 0.78 -6.77
C ALA A 7 -0.03 1.54 -5.59
N LYS A 8 -0.53 2.76 -5.37
CA LYS A 8 -0.06 3.59 -4.27
C LYS A 8 -0.33 2.91 -2.92
N VAL A 9 -1.23 1.93 -2.93
CA VAL A 9 -1.56 1.20 -1.71
C VAL A 9 -1.48 -0.31 -1.94
N ALA A 10 -0.40 -0.75 -2.58
CA ALA A 10 -0.20 -2.16 -2.86
C ALA A 10 1.27 -2.47 -3.07
N HIS A 12 3.78 -1.38 -0.38
CA HIS A 12 4.37 -0.61 0.70
C HIS A 12 3.49 -0.66 1.95
N VAL A 13 2.22 -0.99 1.75
CA VAL A 13 1.28 -1.07 2.86
C VAL A 13 1.76 -2.03 3.94
N VAL A 14 1.89 -3.30 3.58
CA VAL A 14 2.36 -4.32 4.51
C VAL A 14 3.68 -3.91 5.15
N GLY A 15 4.49 -3.16 4.40
CA GLY A 15 5.77 -2.72 4.91
C GLY A 15 5.64 -1.71 6.03
N ALA A 16 4.52 -0.99 6.05
CA ALA A 16 4.27 0.02 7.07
C ALA A 16 3.44 -0.57 8.21
N ILE A 17 2.35 -1.23 7.85
CA ILE A 17 1.46 -1.84 8.85
C ILE A 17 2.23 -2.80 9.75
N ALA A 18 3.20 -3.49 9.18
CA ALA A 18 4.01 -4.44 9.94
C ALA A 18 4.95 -3.71 10.89
N GLU A 19 5.12 -2.41 10.68
CA GLU A 19 6.00 -1.60 11.51
C GLU A 19 5.39 -1.39 12.89
N HIS A 20 4.14 -0.93 12.92
CA HIS A 20 3.44 -0.68 14.17
C HIS A 20 2.98 -1.99 14.80
N PHE A 21 2.81 -3.01 13.98
CA PHE A 21 2.36 -4.32 14.45
C PHE A 21 3.54 -5.25 14.69
N GLY A 1 -6.54 3.78 -15.12
CA GLY A 1 -6.90 4.98 -14.40
C GLY A 1 -7.12 4.73 -12.92
N LEU A 2 -8.09 3.87 -12.61
CA LEU A 2 -8.40 3.54 -11.22
C LEU A 2 -7.26 2.75 -10.57
N PHE A 3 -7.01 1.55 -11.08
CA PHE A 3 -5.95 0.70 -10.55
C PHE A 3 -4.61 1.43 -10.58
N GLY A 4 -4.47 2.35 -11.53
CA GLY A 4 -3.23 3.11 -11.64
C GLY A 4 -2.80 3.72 -10.33
N VAL A 5 -3.76 4.07 -9.49
CA VAL A 5 -3.48 4.67 -8.20
C VAL A 5 -3.50 3.62 -7.09
N LEU A 6 -4.20 2.53 -7.33
CA LEU A 6 -4.31 1.44 -6.36
C LEU A 6 -2.92 0.99 -5.90
N ALA A 7 -1.93 1.16 -6.77
CA ALA A 7 -0.56 0.77 -6.45
C ALA A 7 -0.05 1.52 -5.24
N LYS A 8 -0.61 2.70 -4.99
CA LYS A 8 -0.20 3.52 -3.85
C LYS A 8 -0.53 2.82 -2.54
N VAL A 9 -1.38 1.80 -2.61
CA VAL A 9 -1.78 1.04 -1.43
C VAL A 9 -1.83 -0.46 -1.73
N ALA A 10 -0.77 -0.98 -2.33
CA ALA A 10 -0.70 -2.39 -2.66
C ALA A 10 0.70 -2.77 -3.15
N HIS A 12 3.67 -2.01 -0.89
CA HIS A 12 4.49 -1.32 0.12
C HIS A 12 3.71 -1.12 1.40
N VAL A 13 2.40 -1.39 1.34
CA VAL A 13 1.54 -1.23 2.51
C VAL A 13 2.03 -2.07 3.68
N VAL A 14 2.26 -3.35 3.42
CA VAL A 14 2.74 -4.26 4.44
C VAL A 14 3.97 -3.72 5.15
N GLY A 15 4.83 -3.04 4.40
CA GLY A 15 6.04 -2.47 4.97
C GLY A 15 5.74 -1.45 6.05
N ALA A 16 4.56 -0.83 5.96
CA ALA A 16 4.16 0.17 6.94
C ALA A 16 3.31 -0.45 8.05
N ILE A 17 2.31 -1.22 7.65
CA ILE A 17 1.42 -1.87 8.61
C ILE A 17 2.21 -2.74 9.58
N ALA A 18 3.27 -3.37 9.08
CA ALA A 18 4.11 -4.22 9.90
C ALA A 18 4.98 -3.40 10.85
N GLU A 19 5.04 -2.09 10.60
CA GLU A 19 5.83 -1.19 11.43
C GLU A 19 5.16 -0.95 12.77
N HIS A 20 3.88 -0.59 12.73
CA HIS A 20 3.11 -0.33 13.94
C HIS A 20 2.69 -1.63 14.61
N PHE A 21 2.62 -2.69 13.82
CA PHE A 21 2.22 -4.00 14.34
C PHE A 21 3.36 -5.01 14.18
N GLY A 1 -7.98 4.69 -15.26
CA GLY A 1 -6.74 4.60 -14.51
C GLY A 1 -6.97 4.39 -13.02
N LEU A 2 -7.98 3.59 -12.70
CA LEU A 2 -8.32 3.31 -11.30
C LEU A 2 -7.18 2.55 -10.61
N PHE A 3 -6.91 1.34 -11.09
CA PHE A 3 -5.86 0.51 -10.53
C PHE A 3 -4.51 1.24 -10.57
N GLY A 4 -4.36 2.13 -11.56
CA GLY A 4 -3.13 2.87 -11.69
C GLY A 4 -2.70 3.55 -10.40
N VAL A 5 -3.69 3.93 -9.59
CA VAL A 5 -3.41 4.58 -8.31
C VAL A 5 -3.45 3.59 -7.16
N LEU A 6 -4.15 2.47 -7.37
CA LEU A 6 -4.26 1.44 -6.35
C LEU A 6 -2.88 1.00 -5.85
N ALA A 7 -1.88 1.14 -6.72
CA ALA A 7 -0.52 0.76 -6.38
C ALA A 7 -0.02 1.55 -5.16
N LYS A 8 -0.56 2.75 -4.99
CA LYS A 8 -0.17 3.59 -3.86
C LYS A 8 -0.49 2.92 -2.53
N VAL A 9 -1.39 1.93 -2.58
CA VAL A 9 -1.77 1.21 -1.38
C VAL A 9 -1.80 -0.30 -1.64
N ALA A 10 -0.82 -0.78 -2.39
CA ALA A 10 -0.74 -2.20 -2.70
C ALA A 10 0.68 -2.58 -3.14
N HIS A 12 3.66 -1.72 -0.80
CA HIS A 12 4.45 -1.07 0.23
C HIS A 12 3.65 -0.96 1.53
N VAL A 13 2.34 -1.16 1.43
CA VAL A 13 1.47 -1.09 2.61
C VAL A 13 1.99 -1.98 3.73
N VAL A 14 2.16 -3.26 3.44
CA VAL A 14 2.65 -4.21 4.44
C VAL A 14 3.94 -3.71 5.08
N GLY A 15 4.72 -2.96 4.32
CA GLY A 15 5.96 -2.42 4.84
C GLY A 15 5.75 -1.47 6.00
N ALA A 16 4.63 -0.76 5.98
CA ALA A 16 4.31 0.19 7.05
C ALA A 16 3.44 -0.46 8.11
N ILE A 17 2.42 -1.20 7.66
CA ILE A 17 1.50 -1.87 8.58
C ILE A 17 2.25 -2.78 9.54
N ALA A 18 3.31 -3.42 9.03
CA ALA A 18 4.11 -4.33 9.86
C ALA A 18 4.99 -3.55 10.82
N GLU A 19 5.06 -2.24 10.63
CA GLU A 19 5.87 -1.39 11.49
C GLU A 19 5.18 -1.15 12.83
N HIS A 20 3.92 -0.74 12.76
CA HIS A 20 3.14 -0.48 13.97
C HIS A 20 2.69 -1.78 14.62
N PHE A 21 2.59 -2.83 13.81
CA PHE A 21 2.17 -4.14 14.30
C PHE A 21 3.26 -5.18 14.11
N GLY A 1 -5.87 3.99 -14.96
CA GLY A 1 -6.93 4.84 -14.45
C GLY A 1 -7.20 4.61 -12.98
N LEU A 2 -8.04 3.63 -12.68
CA LEU A 2 -8.38 3.32 -11.29
C LEU A 2 -7.24 2.56 -10.61
N PHE A 3 -7.00 1.34 -11.06
CA PHE A 3 -5.93 0.51 -10.50
C PHE A 3 -4.59 1.24 -10.56
N GLY A 4 -4.45 2.13 -11.54
CA GLY A 4 -3.21 2.88 -11.68
C GLY A 4 -2.78 3.55 -10.38
N VAL A 5 -3.77 3.93 -9.57
CA VAL A 5 -3.48 4.58 -8.29
C VAL A 5 -3.52 3.59 -7.15
N LEU A 6 -4.21 2.48 -7.35
CA LEU A 6 -4.32 1.44 -6.33
C LEU A 6 -2.94 1.00 -5.84
N ALA A 7 -1.94 1.15 -6.71
CA ALA A 7 -0.58 0.77 -6.38
C ALA A 7 -0.08 1.56 -5.16
N LYS A 8 -0.61 2.76 -4.98
CA LYS A 8 -0.23 3.60 -3.86
C LYS A 8 -0.54 2.92 -2.53
N VAL A 9 -1.44 1.94 -2.57
CA VAL A 9 -1.82 1.21 -1.37
C VAL A 9 -1.85 -0.29 -1.63
N ALA A 10 -0.87 -0.78 -2.38
CA ALA A 10 -0.78 -2.19 -2.70
C ALA A 10 0.63 -2.57 -3.15
N HIS A 12 3.62 -1.72 -0.83
CA HIS A 12 4.41 -1.07 0.21
C HIS A 12 3.63 -0.96 1.52
N VAL A 13 2.32 -1.16 1.42
CA VAL A 13 1.45 -1.09 2.59
C VAL A 13 1.98 -1.97 3.72
N VAL A 14 2.14 -3.26 3.43
CA VAL A 14 2.64 -4.21 4.42
C VAL A 14 3.93 -3.70 5.06
N GLY A 15 4.71 -2.94 4.30
CA GLY A 15 5.96 -2.40 4.80
C GLY A 15 5.75 -1.46 5.97
N ALA A 16 4.62 -0.75 5.96
CA ALA A 16 4.31 0.19 7.03
C ALA A 16 3.43 -0.45 8.09
N ILE A 17 2.42 -1.19 7.65
CA ILE A 17 1.51 -1.86 8.57
C ILE A 17 2.27 -2.78 9.52
N ALA A 18 3.31 -3.41 9.01
CA ALA A 18 4.12 -4.32 9.82
C ALA A 18 5.01 -3.55 10.79
N GLU A 19 5.08 -2.24 10.60
CA GLU A 19 5.90 -1.38 11.45
C GLU A 19 5.21 -1.14 12.79
N HIS A 20 3.94 -0.74 12.74
CA HIS A 20 3.17 -0.47 13.95
C HIS A 20 2.73 -1.79 14.60
N PHE A 21 2.63 -2.84 13.79
CA PHE A 21 2.20 -4.14 14.29
C PHE A 21 3.30 -5.18 14.09
N GLY A 1 -7.57 5.78 -15.02
CA GLY A 1 -6.77 4.67 -14.49
C GLY A 1 -7.03 4.44 -13.02
N LEU A 2 -7.97 3.55 -12.72
CA LEU A 2 -8.32 3.23 -11.34
C LEU A 2 -7.17 2.48 -10.66
N PHE A 3 -6.93 1.25 -11.10
CA PHE A 3 -5.87 0.43 -10.53
C PHE A 3 -4.53 1.16 -10.58
N GLY A 4 -4.38 2.04 -11.56
CA GLY A 4 -3.15 2.80 -11.71
C GLY A 4 -2.74 3.47 -10.41
N VAL A 5 -3.71 3.86 -9.60
CA VAL A 5 -3.44 4.52 -8.33
C VAL A 5 -3.47 3.52 -7.17
N LEU A 6 -4.16 2.40 -7.38
CA LEU A 6 -4.27 1.37 -6.35
C LEU A 6 -2.89 0.95 -5.86
N ALA A 7 -1.89 1.09 -6.73
CA ALA A 7 -0.52 0.72 -6.38
C ALA A 7 -0.05 1.51 -5.17
N LYS A 8 -0.58 2.71 -5.00
CA LYS A 8 -0.19 3.56 -3.87
C LYS A 8 -0.51 2.88 -2.55
N VAL A 9 -1.40 1.90 -2.59
CA VAL A 9 -1.80 1.17 -1.39
C VAL A 9 -1.82 -0.33 -1.64
N ALA A 10 -0.83 -0.82 -2.38
CA ALA A 10 -0.74 -2.24 -2.69
C ALA A 10 0.68 -2.61 -3.13
N HIS A 12 3.66 -1.73 -0.81
CA HIS A 12 4.44 -1.07 0.23
C HIS A 12 3.65 -0.97 1.53
N VAL A 13 2.33 -1.17 1.44
CA VAL A 13 1.47 -1.10 2.60
C VAL A 13 1.99 -1.98 3.73
N VAL A 14 2.16 -3.27 3.45
CA VAL A 14 2.65 -4.22 4.45
C VAL A 14 3.94 -3.70 5.09
N GLY A 15 4.72 -2.94 4.32
CA GLY A 15 5.97 -2.41 4.83
C GLY A 15 5.75 -1.45 5.99
N ALA A 16 4.62 -0.75 5.98
CA ALA A 16 4.31 0.20 7.03
C ALA A 16 3.43 -0.44 8.10
N ILE A 17 2.43 -1.19 7.67
CA ILE A 17 1.51 -1.86 8.58
C ILE A 17 2.27 -2.76 9.55
N ALA A 18 3.31 -3.41 9.04
CA ALA A 18 4.12 -4.31 9.86
C ALA A 18 5.00 -3.53 10.82
N GLU A 19 5.07 -2.21 10.62
CA GLU A 19 5.88 -1.35 11.48
C GLU A 19 5.19 -1.10 12.82
N HIS A 20 3.92 -0.71 12.76
CA HIS A 20 3.15 -0.45 13.97
C HIS A 20 2.69 -1.75 14.62
N PHE A 21 2.60 -2.80 13.82
CA PHE A 21 2.18 -4.11 14.32
C PHE A 21 3.27 -5.15 14.12
N GLY A 1 -5.91 4.29 -14.93
CA GLY A 1 -7.12 4.95 -14.47
C GLY A 1 -7.34 4.77 -12.98
N LEU A 2 -8.14 3.76 -12.63
CA LEU A 2 -8.43 3.48 -11.22
C LEU A 2 -7.29 2.70 -10.57
N PHE A 3 -7.03 1.50 -11.09
CA PHE A 3 -5.97 0.65 -10.57
C PHE A 3 -4.63 1.37 -10.60
N GLY A 4 -4.48 2.30 -11.55
CA GLY A 4 -3.24 3.05 -11.68
C GLY A 4 -2.81 3.67 -10.37
N VAL A 5 -3.78 4.02 -9.53
CA VAL A 5 -3.49 4.64 -8.24
C VAL A 5 -3.51 3.61 -7.12
N LEU A 6 -4.22 2.50 -7.36
CA LEU A 6 -4.31 1.43 -6.37
C LEU A 6 -2.93 0.97 -5.92
N ALA A 7 -1.94 1.13 -6.79
CA ALA A 7 -0.57 0.75 -6.48
C ALA A 7 -0.05 1.51 -5.26
N LYS A 8 -0.61 2.68 -5.03
CA LYS A 8 -0.21 3.51 -3.89
C LYS A 8 -0.53 2.82 -2.58
N VAL A 9 -1.38 1.79 -2.64
CA VAL A 9 -1.77 1.06 -1.45
C VAL A 9 -1.83 -0.44 -1.73
N ALA A 10 -0.77 -0.96 -2.33
CA ALA A 10 -0.70 -2.38 -2.65
C ALA A 10 0.69 -2.77 -3.13
N HIS A 12 3.67 -1.99 -0.89
CA HIS A 12 4.48 -1.31 0.10
C HIS A 12 3.71 -1.09 1.39
N VAL A 13 2.40 -1.35 1.34
CA VAL A 13 1.55 -1.19 2.50
C VAL A 13 2.03 -2.03 3.67
N VAL A 14 2.26 -3.31 3.42
CA VAL A 14 2.73 -4.23 4.45
C VAL A 14 3.97 -3.69 5.15
N GLY A 15 4.80 -2.98 4.39
CA GLY A 15 6.01 -2.41 4.97
C GLY A 15 5.72 -1.40 6.05
N ALA A 16 4.55 -0.78 5.99
CA ALA A 16 4.16 0.21 6.98
C ALA A 16 3.31 -0.43 8.09
N ILE A 17 2.30 -1.18 7.69
CA ILE A 17 1.43 -1.85 8.64
C ILE A 17 2.22 -2.73 9.60
N ALA A 18 3.27 -3.36 9.09
CA ALA A 18 4.11 -4.23 9.90
C ALA A 18 4.99 -3.41 10.85
N GLU A 19 5.05 -2.11 10.61
CA GLU A 19 5.85 -1.22 11.45
C GLU A 19 5.17 -1.00 12.81
N HIS A 20 3.89 -0.63 12.77
CA HIS A 20 3.13 -0.38 13.99
C HIS A 20 2.71 -1.70 14.64
N PHE A 21 2.63 -2.75 13.84
CA PHE A 21 2.25 -4.07 14.34
C PHE A 21 3.39 -5.06 14.20
N GLY A 1 -5.89 4.98 -14.73
CA GLY A 1 -7.27 5.27 -14.36
C GLY A 1 -7.53 5.02 -12.89
N LEU A 2 -8.30 3.97 -12.59
CA LEU A 2 -8.62 3.63 -11.21
C LEU A 2 -7.50 2.82 -10.57
N PHE A 3 -7.23 1.65 -11.14
CA PHE A 3 -6.18 0.78 -10.62
C PHE A 3 -4.82 1.48 -10.66
N GLY A 4 -4.67 2.42 -11.59
CA GLY A 4 -3.42 3.14 -11.71
C GLY A 4 -2.98 3.76 -10.41
N VAL A 5 -3.94 4.06 -9.53
CA VAL A 5 -3.64 4.65 -8.24
C VAL A 5 -3.59 3.59 -7.15
N LEU A 6 -4.31 2.50 -7.36
CA LEU A 6 -4.35 1.40 -6.39
C LEU A 6 -2.94 0.91 -6.07
N ALA A 7 -2.02 1.11 -7.01
CA ALA A 7 -0.64 0.69 -6.83
C ALA A 7 0.01 1.43 -5.67
N LYS A 8 -0.53 2.61 -5.35
CA LYS A 8 -0.01 3.42 -4.26
C LYS A 8 -0.25 2.76 -2.91
N VAL A 9 -1.10 1.73 -2.91
CA VAL A 9 -1.42 1.01 -1.68
C VAL A 9 -1.50 -0.49 -1.93
N ALA A 10 -0.45 -1.04 -2.54
CA ALA A 10 -0.40 -2.46 -2.83
C ALA A 10 1.02 -2.91 -3.18
N HIS A 12 3.74 -2.11 -0.74
CA HIS A 12 4.50 -1.34 0.24
C HIS A 12 3.69 -1.17 1.52
N VAL A 13 2.40 -1.48 1.46
CA VAL A 13 1.52 -1.35 2.63
C VAL A 13 2.01 -2.22 3.78
N VAL A 14 2.31 -3.48 3.46
CA VAL A 14 2.78 -4.42 4.48
C VAL A 14 3.95 -3.84 5.27
N GLY A 15 4.93 -3.29 4.56
CA GLY A 15 6.08 -2.71 5.20
C GLY A 15 5.70 -1.64 6.20
N ALA A 16 4.53 -1.04 6.02
CA ALA A 16 4.06 0.00 6.91
C ALA A 16 3.23 -0.58 8.05
N ILE A 17 2.24 -1.40 7.70
CA ILE A 17 1.38 -2.02 8.70
C ILE A 17 2.20 -2.81 9.72
N ALA A 18 3.27 -3.44 9.25
CA ALA A 18 4.14 -4.22 10.12
C ALA A 18 4.98 -3.31 11.01
N GLU A 19 5.02 -2.03 10.68
CA GLU A 19 5.78 -1.06 11.44
C GLU A 19 5.10 -0.75 12.78
N HIS A 20 3.81 -0.43 12.71
CA HIS A 20 3.04 -0.12 13.92
C HIS A 20 2.66 -1.39 14.66
N PHE A 21 2.61 -2.51 13.94
CA PHE A 21 2.26 -3.79 14.53
C PHE A 21 3.44 -4.76 14.49
#